data_4XM8
#
_entry.id   4XM8
#
_cell.length_a   57.631
_cell.length_b   77.076
_cell.length_c   138.844
_cell.angle_alpha   90.000
_cell.angle_beta   90.000
_cell.angle_gamma   90.000
#
_symmetry.space_group_name_H-M   'P 21 21 21'
#
loop_
_entity.id
_entity.type
_entity.pdbx_description
1 polymer 'Lethal factor'
2 non-polymer N-hydroxy-N~2~-{[3-(methoxymethyl)phenyl]sulfonyl}-N~2~-(2-methylpropyl)-D-valinamide
3 non-polymer 'ZINC ION'
4 water water
#
_entity_poly.entity_id   1
_entity_poly.type   'polypeptide(L)'
_entity_poly.pdbx_seq_one_letter_code
;SNALSRYEKWEKIKQHYQHWSDSLSEEGRGLLKKLQIPIEPKKDDIIHSLSQEEKELLKRIQIDSSDFLSTEEKEFLKKL
QIDIRDSLSEEEKELLNRIQVDSSNPLSEKEKEFLKKLKLDIQPYDINQRLQDTGGLIDSPSINLDVRKQYKRDIQNIDA
LLHQSIGSTLYNKIYLYENMNINNLTATLGADLVDSTDNTKINRGIFNEFKKNFKYSISSNYMIVDINERPALDNERLKW
RIQLSPDTRAGYLENGKLILQRNIGLEIKDVQIIKQSEKEYIRIDAKVVPKSKIDTKIQEAQLNINQEWNKALGLPKYTK
LITFNVHNRYASNIVESAYLILNEWKNNIQSDLIKKVTNYLVDGNGRFVFTDITLPNIAEQYTHQDEIYEQVHSKGLYVP
ESRSILLHGPSKGVELRNDSEGFIHEFGHAVDDYAGYLLDKNQSDLVTNSKKFIDIFKEEGSNLTSYGRTNEAEFFAEAF
RLMHSTDHAERLKVQKNAPKTFQFINDQIKFIINSLVPR
;
_entity_poly.pdbx_strand_id   A
#
loop_
_chem_comp.id
_chem_comp.type
_chem_comp.name
_chem_comp.formula
41T non-polymer N-hydroxy-N~2~-{[3-(methoxymethyl)phenyl]sulfonyl}-N~2~-(2-methylpropyl)-D-valinamide 'C17 H28 N2 O5 S'
ZN non-polymer 'ZINC ION' 'Zn 2'
#
# COMPACT_ATOMS: atom_id res chain seq x y z
N SER A 5 -19.79 -22.91 -24.84
CA SER A 5 -19.17 -24.05 -24.19
C SER A 5 -17.79 -23.69 -23.63
N ARG A 6 -17.51 -24.17 -22.42
CA ARG A 6 -16.26 -23.87 -21.73
C ARG A 6 -15.05 -24.50 -22.42
N TYR A 7 -15.18 -25.78 -22.75
CA TYR A 7 -14.06 -26.52 -23.31
C TYR A 7 -13.84 -26.13 -24.78
N GLU A 8 -14.91 -25.74 -25.45
CA GLU A 8 -14.84 -25.29 -26.83
C GLU A 8 -14.14 -23.93 -26.94
N LYS A 9 -14.55 -23.02 -26.07
CA LYS A 9 -13.95 -21.69 -25.99
C LYS A 9 -12.46 -21.80 -25.64
N TRP A 10 -12.15 -22.71 -24.72
CA TRP A 10 -10.77 -22.99 -24.33
C TRP A 10 -9.92 -23.41 -25.54
N GLU A 11 -10.40 -24.40 -26.29
CA GLU A 11 -9.64 -24.90 -27.44
C GLU A 11 -9.50 -23.84 -28.54
N LYS A 12 -10.50 -22.98 -28.66
CA LYS A 12 -10.50 -21.95 -29.69
C LYS A 12 -9.41 -20.91 -29.42
N ILE A 13 -9.20 -20.59 -28.15
CA ILE A 13 -8.17 -19.64 -27.75
C ILE A 13 -6.78 -20.27 -27.86
N LYS A 14 -6.66 -21.50 -27.40
CA LYS A 14 -5.40 -22.24 -27.48
C LYS A 14 -4.91 -22.30 -28.93
N GLN A 15 -5.83 -22.61 -29.83
CA GLN A 15 -5.55 -22.65 -31.27
C GLN A 15 -5.02 -21.30 -31.76
N HIS A 16 -5.68 -20.23 -31.33
CA HIS A 16 -5.31 -18.88 -31.72
C HIS A 16 -3.86 -18.55 -31.35
N TYR A 17 -3.35 -19.23 -30.32
CA TYR A 17 -2.00 -18.99 -29.83
C TYR A 17 -1.07 -20.20 -30.01
N GLN A 18 -1.54 -21.21 -30.73
CA GLN A 18 -0.79 -22.45 -30.89
C GLN A 18 0.58 -22.25 -31.52
N HIS A 19 0.63 -21.46 -32.59
CA HIS A 19 1.90 -21.16 -33.24
C HIS A 19 2.79 -20.37 -32.31
N TRP A 20 2.19 -19.48 -31.53
CA TRP A 20 2.93 -18.70 -30.55
C TRP A 20 3.55 -19.62 -29.49
N SER A 21 2.75 -20.53 -28.94
CA SER A 21 3.21 -21.49 -27.93
C SER A 21 4.35 -22.37 -28.45
N ASP A 22 4.15 -22.99 -29.60
CA ASP A 22 5.13 -23.92 -30.15
C ASP A 22 6.43 -23.20 -30.52
N SER A 23 6.35 -21.89 -30.70
CA SER A 23 7.52 -21.10 -31.07
C SER A 23 8.36 -20.68 -29.87
N LEU A 24 7.85 -20.92 -28.68
CA LEU A 24 8.56 -20.53 -27.46
C LEU A 24 9.83 -21.33 -27.27
N SER A 25 10.92 -20.64 -26.96
CA SER A 25 12.19 -21.28 -26.66
C SER A 25 12.18 -21.87 -25.25
N GLU A 26 13.25 -22.54 -24.88
CA GLU A 26 13.37 -23.10 -23.54
C GLU A 26 13.43 -22.00 -22.50
N GLU A 27 14.10 -20.90 -22.84
CA GLU A 27 14.25 -19.80 -21.88
C GLU A 27 12.95 -19.01 -21.78
N GLY A 28 12.17 -19.02 -22.85
CA GLY A 28 10.90 -18.31 -22.88
C GLY A 28 9.86 -18.95 -21.98
N ARG A 29 9.80 -20.28 -22.00
CA ARG A 29 8.84 -21.01 -21.18
C ARG A 29 9.20 -20.90 -19.71
N GLY A 30 10.49 -21.09 -19.39
CA GLY A 30 10.96 -21.01 -18.02
C GLY A 30 10.74 -19.64 -17.43
N LEU A 31 10.84 -18.62 -18.27
CA LEU A 31 10.58 -17.25 -17.88
C LEU A 31 9.11 -17.04 -17.53
N LEU A 32 8.22 -17.64 -18.33
CA LEU A 32 6.80 -17.61 -18.07
C LEU A 32 6.43 -18.42 -16.84
N LYS A 33 7.20 -19.48 -16.58
CA LYS A 33 6.95 -20.31 -15.40
C LYS A 33 7.41 -19.59 -14.14
N LYS A 34 8.56 -18.93 -14.22
CA LYS A 34 9.11 -18.20 -13.10
C LYS A 34 8.18 -17.06 -12.68
N LEU A 35 7.50 -16.47 -13.65
CA LEU A 35 6.55 -15.39 -13.36
C LEU A 35 5.34 -15.90 -12.59
N GLN A 36 4.81 -17.04 -13.02
CA GLN A 36 3.64 -17.61 -12.36
C GLN A 36 4.00 -18.11 -10.96
N ILE A 37 5.12 -18.82 -10.87
CA ILE A 37 5.60 -19.33 -9.60
C ILE A 37 6.89 -18.63 -9.19
N PRO A 38 6.77 -17.59 -8.34
CA PRO A 38 7.93 -16.84 -7.86
C PRO A 38 8.90 -17.73 -7.09
N ILE A 39 10.19 -17.42 -7.16
CA ILE A 39 11.21 -18.21 -6.48
C ILE A 39 11.37 -17.77 -5.03
N GLU A 40 10.86 -18.57 -4.11
CA GLU A 40 10.88 -18.25 -2.70
C GLU A 40 12.29 -18.30 -2.12
N PRO A 41 12.54 -17.53 -1.04
CA PRO A 41 13.82 -17.59 -0.35
C PRO A 41 14.09 -18.97 0.21
N LYS A 42 15.37 -19.27 0.43
CA LYS A 42 15.74 -20.57 0.94
C LYS A 42 16.06 -20.47 2.41
N LYS A 43 15.05 -20.76 3.22
CA LYS A 43 15.10 -20.53 4.66
C LYS A 43 16.25 -21.27 5.34
N ASP A 44 16.71 -22.36 4.73
CA ASP A 44 17.86 -23.09 5.25
C ASP A 44 19.12 -22.25 5.07
N ASP A 45 19.23 -21.60 3.92
CA ASP A 45 20.38 -20.77 3.59
C ASP A 45 20.35 -19.46 4.38
N ILE A 46 19.16 -19.01 4.73
CA ILE A 46 19.02 -17.80 5.54
C ILE A 46 19.52 -18.05 6.95
N ILE A 47 18.99 -19.09 7.58
CA ILE A 47 19.35 -19.45 8.95
C ILE A 47 20.84 -19.76 9.06
N HIS A 48 21.37 -20.47 8.08
CA HIS A 48 22.79 -20.83 8.06
C HIS A 48 23.68 -19.59 8.05
N SER A 49 23.19 -18.50 7.48
CA SER A 49 23.99 -17.28 7.33
C SER A 49 23.99 -16.41 8.58
N LEU A 50 23.19 -16.78 9.57
CA LEU A 50 23.10 -16.01 10.80
C LEU A 50 24.11 -16.48 11.83
N SER A 51 24.66 -15.55 12.60
CA SER A 51 25.43 -15.92 13.78
C SER A 51 24.48 -16.53 14.79
N GLN A 52 25.01 -17.38 15.66
CA GLN A 52 24.18 -18.13 16.60
C GLN A 52 23.67 -17.24 17.74
N GLU A 53 24.16 -16.01 17.83
CA GLU A 53 23.55 -15.04 18.72
C GLU A 53 22.34 -14.41 18.04
N GLU A 54 22.40 -14.35 16.72
CA GLU A 54 21.27 -13.85 15.93
C GLU A 54 20.15 -14.89 15.84
N LYS A 55 20.53 -16.17 15.83
CA LYS A 55 19.54 -17.24 15.84
C LYS A 55 18.75 -17.20 17.14
N GLU A 56 19.47 -17.08 18.26
CA GLU A 56 18.84 -16.96 19.57
C GLU A 56 17.97 -15.72 19.65
N LEU A 57 18.43 -14.65 19.00
CA LEU A 57 17.67 -13.41 18.94
C LEU A 57 16.41 -13.60 18.10
N LEU A 58 16.55 -14.29 16.98
CA LEU A 58 15.44 -14.55 16.08
C LEU A 58 14.50 -15.60 16.67
N LYS A 59 15.04 -16.45 17.54
CA LYS A 59 14.26 -17.50 18.18
C LYS A 59 13.19 -16.96 19.11
N ARG A 60 13.57 -15.99 19.95
CA ARG A 60 12.68 -15.52 21.01
C ARG A 60 11.98 -14.21 20.67
N ILE A 61 12.22 -13.68 19.47
CA ILE A 61 11.68 -12.38 19.11
C ILE A 61 10.18 -12.45 18.77
N GLN A 62 9.43 -11.45 19.25
CA GLN A 62 8.04 -11.27 18.87
C GLN A 62 7.98 -10.47 17.58
N ILE A 63 7.89 -11.17 16.46
CA ILE A 63 8.15 -10.56 15.14
C ILE A 63 7.04 -9.66 14.60
N ASP A 64 5.87 -9.67 15.22
CA ASP A 64 4.74 -8.90 14.72
C ASP A 64 4.71 -7.47 15.25
N SER A 65 5.74 -7.09 16.01
CA SER A 65 5.81 -5.77 16.63
C SER A 65 6.46 -4.72 15.73
N SER A 66 6.85 -5.14 14.53
CA SER A 66 7.55 -4.26 13.61
C SER A 66 6.64 -3.19 13.01
N SER A 70 5.19 -6.77 5.54
CA SER A 70 4.09 -7.63 5.12
C SER A 70 3.81 -8.71 6.16
N THR A 71 2.58 -9.22 6.16
CA THR A 71 2.20 -10.32 7.04
C THR A 71 2.98 -11.57 6.66
N GLU A 72 3.16 -11.76 5.36
CA GLU A 72 3.93 -12.89 4.86
C GLU A 72 5.37 -12.83 5.33
N GLU A 73 5.94 -11.62 5.34
CA GLU A 73 7.28 -11.40 5.87
C GLU A 73 7.35 -11.85 7.32
N LYS A 74 6.33 -11.53 8.08
CA LYS A 74 6.22 -11.98 9.46
C LYS A 74 5.92 -13.48 9.50
N GLU A 75 5.16 -13.95 8.51
CA GLU A 75 4.83 -15.37 8.42
C GLU A 75 6.02 -16.18 7.96
N PHE A 76 6.84 -15.61 7.08
CA PHE A 76 8.06 -16.28 6.64
C PHE A 76 9.06 -16.30 7.77
N LEU A 77 9.19 -15.17 8.47
CA LEU A 77 10.06 -15.09 9.64
C LEU A 77 9.59 -16.05 10.72
N LYS A 78 8.27 -16.21 10.85
CA LYS A 78 7.71 -17.17 11.79
C LYS A 78 7.92 -18.58 11.26
N LYS A 79 7.80 -18.74 9.94
CA LYS A 79 8.19 -19.97 9.29
C LYS A 79 9.70 -20.16 9.48
N LEU A 80 10.43 -19.06 9.49
CA LEU A 80 11.87 -19.10 9.72
C LEU A 80 12.17 -19.47 11.16
N GLN A 81 11.45 -18.84 12.09
CA GLN A 81 11.66 -19.08 13.52
C GLN A 81 11.27 -20.49 13.94
N ILE A 82 10.16 -20.99 13.43
CA ILE A 82 9.68 -22.33 13.73
C ILE A 82 10.70 -23.38 13.31
N ASP A 83 11.32 -23.15 12.16
CA ASP A 83 12.35 -24.04 11.65
C ASP A 83 13.61 -24.00 12.48
N ILE A 84 13.85 -22.87 13.13
CA ILE A 84 14.99 -22.76 14.03
C ILE A 84 14.65 -23.35 15.40
N ARG A 85 13.38 -23.26 15.78
CA ARG A 85 12.93 -23.68 17.10
C ARG A 85 12.67 -25.19 17.20
N ASP A 86 12.58 -25.86 16.06
CA ASP A 86 12.27 -27.29 16.03
C ASP A 86 13.48 -28.16 16.36
N SER A 87 14.16 -27.84 17.46
CA SER A 87 15.32 -28.61 17.88
C SER A 87 15.43 -28.63 19.41
N LEU A 88 14.45 -28.04 20.08
CA LEU A 88 14.48 -27.93 21.53
C LEU A 88 13.29 -28.63 22.18
N SER A 89 13.06 -28.29 23.45
CA SER A 89 11.99 -28.90 24.25
C SER A 89 10.60 -28.65 23.69
N GLU A 90 9.64 -29.47 24.12
CA GLU A 90 8.23 -29.21 23.85
C GLU A 90 7.74 -28.14 24.79
N GLU A 91 8.23 -28.19 26.03
CA GLU A 91 7.84 -27.25 27.06
C GLU A 91 8.35 -25.84 26.75
N GLU A 92 9.54 -25.77 26.17
CA GLU A 92 10.15 -24.50 25.81
C GLU A 92 9.39 -23.81 24.69
N LYS A 93 8.94 -24.59 23.72
CA LYS A 93 8.18 -24.07 22.58
C LYS A 93 6.82 -23.54 23.01
N GLU A 94 6.15 -24.28 23.88
CA GLU A 94 4.85 -23.87 24.41
C GLU A 94 4.99 -22.62 25.27
N LEU A 95 6.14 -22.50 25.95
CA LEU A 95 6.44 -21.33 26.77
C LEU A 95 6.72 -20.11 25.90
N LEU A 96 7.47 -20.33 24.82
CA LEU A 96 7.83 -19.27 23.88
C LEU A 96 6.60 -18.74 23.14
N ASN A 97 5.53 -19.52 23.15
CA ASN A 97 4.27 -19.11 22.53
C ASN A 97 3.18 -18.90 23.57
N PRO A 106 7.07 -2.58 22.35
CA PRO A 106 7.84 -2.48 21.11
C PRO A 106 9.10 -3.34 21.13
N LEU A 107 9.86 -3.33 20.03
CA LEU A 107 11.07 -4.13 19.92
C LEU A 107 12.26 -3.46 20.58
N SER A 108 13.28 -4.25 20.88
CA SER A 108 14.57 -3.69 21.27
C SER A 108 15.14 -2.98 20.05
N GLU A 109 15.90 -1.91 20.26
CA GLU A 109 16.53 -1.24 19.13
C GLU A 109 17.63 -2.14 18.56
N LYS A 110 18.06 -3.12 19.36
CA LYS A 110 18.93 -4.17 18.87
C LYS A 110 18.14 -5.09 17.93
N GLU A 111 16.88 -5.32 18.29
CA GLU A 111 16.01 -6.22 17.54
C GLU A 111 15.57 -5.63 16.20
N LYS A 112 15.04 -4.41 16.23
CA LYS A 112 14.56 -3.77 15.01
C LYS A 112 15.71 -3.53 14.03
N GLU A 113 16.84 -3.06 14.55
CA GLU A 113 18.01 -2.83 13.72
C GLU A 113 18.45 -4.11 13.03
N PHE A 114 18.24 -5.24 13.70
CA PHE A 114 18.53 -6.54 13.11
C PHE A 114 17.51 -6.88 12.01
N LEU A 115 16.23 -6.67 12.29
CA LEU A 115 15.18 -7.01 11.33
C LEU A 115 15.24 -6.14 10.08
N LYS A 116 15.68 -4.90 10.24
CA LYS A 116 15.75 -3.98 9.11
C LYS A 116 16.77 -4.44 8.08
N LYS A 117 17.81 -5.14 8.53
CA LYS A 117 18.80 -5.68 7.61
C LYS A 117 18.43 -7.08 7.13
N LEU A 118 17.61 -7.79 7.91
CA LEU A 118 17.18 -9.14 7.57
C LEU A 118 16.09 -9.13 6.49
N LYS A 119 15.39 -8.00 6.39
CA LYS A 119 14.32 -7.84 5.42
C LYS A 119 14.83 -7.91 3.98
N LEU A 120 16.08 -7.48 3.78
CA LEU A 120 16.67 -7.44 2.45
C LEU A 120 17.14 -8.82 1.97
N ASP A 121 17.13 -9.80 2.88
CA ASP A 121 17.63 -11.14 2.56
C ASP A 121 16.51 -12.15 2.38
N ILE A 122 15.29 -11.76 2.74
CA ILE A 122 14.15 -12.68 2.67
C ILE A 122 13.16 -12.34 1.56
N GLN A 123 13.58 -11.52 0.61
CA GLN A 123 12.68 -11.13 -0.47
C GLN A 123 12.74 -12.11 -1.64
N PRO A 124 11.59 -12.70 -1.99
CA PRO A 124 11.45 -13.65 -3.09
C PRO A 124 11.54 -12.95 -4.44
N TYR A 125 12.00 -13.65 -5.47
CA TYR A 125 12.07 -13.07 -6.79
C TYR A 125 10.72 -13.19 -7.46
N ASP A 126 9.92 -12.12 -7.36
CA ASP A 126 8.54 -12.11 -7.80
C ASP A 126 8.33 -10.96 -8.77
N ILE A 127 8.36 -11.27 -10.08
CA ILE A 127 8.26 -10.26 -11.13
C ILE A 127 6.97 -9.45 -11.05
N ASN A 128 5.83 -10.13 -10.92
CA ASN A 128 4.55 -9.45 -10.84
C ASN A 128 4.42 -8.59 -9.58
N GLN A 129 5.07 -9.01 -8.50
CA GLN A 129 5.04 -8.26 -7.25
C GLN A 129 5.94 -7.04 -7.33
N ARG A 130 7.08 -7.19 -8.00
CA ARG A 130 8.02 -6.10 -8.21
C ARG A 130 7.37 -4.99 -9.03
N LEU A 131 6.55 -5.40 -10.00
CA LEU A 131 5.85 -4.46 -10.87
C LEU A 131 4.74 -3.73 -10.11
N GLN A 132 3.93 -4.47 -9.38
CA GLN A 132 2.84 -3.89 -8.59
C GLN A 132 3.35 -2.93 -7.51
N ASP A 133 4.42 -3.31 -6.80
CA ASP A 133 4.96 -2.49 -5.73
C ASP A 133 5.55 -1.17 -6.24
N THR A 134 6.15 -1.21 -7.42
CA THR A 134 6.77 -0.03 -8.00
C THR A 134 5.84 0.69 -8.97
N GLY A 135 4.75 0.02 -9.35
CA GLY A 135 3.81 0.58 -10.29
C GLY A 135 4.37 0.68 -11.69
N GLY A 136 5.37 -0.15 -11.98
CA GLY A 136 6.00 -0.15 -13.29
C GLY A 136 7.32 0.61 -13.30
N LEU A 137 7.52 1.43 -12.27
CA LEU A 137 8.77 2.18 -12.11
C LEU A 137 9.86 1.30 -11.51
N ILE A 138 10.35 0.35 -12.31
CA ILE A 138 11.27 -0.68 -11.83
C ILE A 138 12.67 -0.16 -11.54
N ASP A 139 12.94 1.10 -11.88
CA ASP A 139 14.23 1.69 -11.57
C ASP A 139 14.25 2.32 -10.17
N SER A 140 13.18 2.12 -9.40
CA SER A 140 13.13 2.63 -8.05
C SER A 140 14.14 1.91 -7.16
N PRO A 141 15.05 2.67 -6.55
CA PRO A 141 16.17 2.12 -5.76
C PRO A 141 15.72 1.53 -4.43
N SER A 142 14.82 0.56 -4.47
CA SER A 142 14.29 -0.07 -3.27
C SER A 142 14.71 -1.53 -3.14
N ILE A 143 15.49 -2.01 -4.11
CA ILE A 143 16.13 -3.33 -4.00
C ILE A 143 17.56 -3.26 -4.48
N ASN A 144 18.31 -4.33 -4.20
CA ASN A 144 19.68 -4.50 -4.69
C ASN A 144 19.79 -4.19 -6.18
N LEU A 145 20.81 -3.43 -6.56
CA LEU A 145 20.99 -3.00 -7.94
C LEU A 145 21.03 -4.17 -8.93
N ASP A 146 21.79 -5.21 -8.58
CA ASP A 146 21.95 -6.35 -9.48
C ASP A 146 20.62 -7.07 -9.70
N VAL A 147 19.86 -7.25 -8.62
CA VAL A 147 18.53 -7.85 -8.72
C VAL A 147 17.58 -6.95 -9.49
N ARG A 148 17.71 -5.64 -9.27
CA ARG A 148 16.91 -4.63 -9.97
C ARG A 148 17.10 -4.73 -11.47
N LYS A 149 18.33 -4.99 -11.89
CA LYS A 149 18.64 -5.12 -13.31
C LYS A 149 18.17 -6.48 -13.84
N GLN A 150 18.05 -7.46 -12.95
CA GLN A 150 17.57 -8.78 -13.34
C GLN A 150 16.08 -8.76 -13.63
N TYR A 151 15.32 -8.08 -12.77
CA TYR A 151 13.90 -7.86 -13.02
C TYR A 151 13.71 -7.19 -14.37
N LYS A 152 14.49 -6.13 -14.61
CA LYS A 152 14.39 -5.35 -15.84
C LYS A 152 14.61 -6.20 -17.09
N ARG A 153 15.57 -7.12 -17.05
CA ARG A 153 15.81 -8.02 -18.19
C ARG A 153 14.64 -8.97 -18.42
N ASP A 154 14.15 -9.59 -17.35
CA ASP A 154 13.02 -10.51 -17.45
C ASP A 154 11.77 -9.79 -17.95
N ILE A 155 11.47 -8.64 -17.34
CA ILE A 155 10.29 -7.87 -17.71
C ILE A 155 10.33 -7.47 -19.18
N GLN A 156 11.46 -6.95 -19.63
CA GLN A 156 11.65 -6.60 -21.03
C GLN A 156 11.51 -7.82 -21.94
N ASN A 157 12.02 -8.96 -21.50
CA ASN A 157 11.93 -10.19 -22.27
C ASN A 157 10.52 -10.74 -22.33
N ILE A 158 9.77 -10.58 -21.24
CA ILE A 158 8.38 -11.01 -21.21
C ILE A 158 7.55 -10.14 -22.15
N ASP A 159 7.82 -8.83 -22.12
CA ASP A 159 7.19 -7.89 -23.03
C ASP A 159 7.37 -8.32 -24.48
N ALA A 160 8.59 -8.76 -24.80
CA ALA A 160 8.91 -9.18 -26.15
C ALA A 160 8.19 -10.48 -26.52
N LEU A 161 7.93 -11.32 -25.52
CA LEU A 161 7.21 -12.58 -25.74
C LEU A 161 5.73 -12.34 -26.02
N LEU A 162 5.13 -11.44 -25.25
CA LEU A 162 3.71 -11.15 -25.41
C LEU A 162 3.50 -10.14 -26.52
N HIS A 163 3.59 -10.60 -27.76
CA HIS A 163 3.51 -9.71 -28.91
C HIS A 163 2.24 -9.93 -29.73
N GLN A 164 1.63 -11.09 -29.57
CA GLN A 164 0.43 -11.42 -30.34
C GLN A 164 -0.84 -11.00 -29.61
N SER A 165 -1.66 -10.20 -30.28
CA SER A 165 -2.89 -9.71 -29.69
C SER A 165 -3.98 -10.76 -29.73
N ILE A 166 -5.06 -10.52 -29.00
CA ILE A 166 -6.19 -11.43 -28.99
C ILE A 166 -6.87 -11.45 -30.36
N GLY A 167 -6.78 -10.32 -31.08
CA GLY A 167 -7.32 -10.23 -32.41
C GLY A 167 -8.70 -9.60 -32.49
N SER A 168 -9.12 -9.26 -33.70
CA SER A 168 -10.41 -8.60 -33.92
C SER A 168 -11.56 -9.60 -33.91
N THR A 169 -11.24 -10.88 -34.03
CA THR A 169 -12.27 -11.91 -34.12
C THR A 169 -12.76 -12.35 -32.74
N LEU A 170 -11.82 -12.54 -31.82
CA LEU A 170 -12.14 -13.17 -30.53
C LEU A 170 -12.48 -12.19 -29.41
N TYR A 171 -12.04 -10.94 -29.54
CA TYR A 171 -12.10 -9.98 -28.42
C TYR A 171 -13.51 -9.76 -27.88
N ASN A 172 -14.52 -9.82 -28.75
CA ASN A 172 -15.90 -9.59 -28.31
C ASN A 172 -16.77 -10.85 -28.37
N LYS A 173 -16.11 -12.01 -28.31
CA LYS A 173 -16.83 -13.28 -28.29
C LYS A 173 -16.49 -14.10 -27.05
N ILE A 174 -15.58 -13.56 -26.23
CA ILE A 174 -15.16 -14.27 -25.01
C ILE A 174 -15.08 -13.34 -23.80
N TYR A 175 -15.27 -13.92 -22.62
CA TYR A 175 -15.01 -13.24 -21.37
C TYR A 175 -13.84 -13.94 -20.67
N LEU A 176 -12.99 -13.18 -20.01
CA LEU A 176 -11.93 -13.77 -19.19
C LEU A 176 -12.17 -13.42 -17.73
N TYR A 177 -11.73 -14.31 -16.84
CA TYR A 177 -12.09 -14.19 -15.43
C TYR A 177 -10.88 -14.15 -14.52
N GLU A 178 -11.05 -13.48 -13.38
CA GLU A 178 -10.01 -13.42 -12.36
C GLU A 178 -10.62 -13.38 -10.96
N ASN A 179 -10.33 -14.42 -10.17
CA ASN A 179 -10.73 -14.44 -8.76
C ASN A 179 -9.71 -13.67 -7.94
N MET A 180 -10.19 -12.90 -6.97
CA MET A 180 -9.33 -11.99 -6.23
C MET A 180 -9.73 -11.81 -4.77
N ASN A 181 -8.75 -11.63 -3.90
CA ASN A 181 -9.00 -11.32 -2.50
C ASN A 181 -9.25 -9.83 -2.34
N ILE A 182 -10.22 -9.48 -1.50
CA ILE A 182 -10.64 -8.08 -1.33
C ILE A 182 -9.53 -7.23 -0.73
N ASN A 183 -8.78 -7.80 0.20
CA ASN A 183 -7.72 -7.08 0.88
C ASN A 183 -6.63 -6.57 -0.07
N ASN A 184 -6.53 -7.20 -1.24
CA ASN A 184 -5.55 -6.79 -2.24
C ASN A 184 -5.81 -5.38 -2.75
N LEU A 185 -7.09 -5.05 -2.97
CA LEU A 185 -7.46 -3.71 -3.39
C LEU A 185 -7.27 -2.73 -2.22
N THR A 186 -8.09 -2.88 -1.19
CA THR A 186 -7.92 -2.11 0.05
C THR A 186 -8.22 -2.97 1.26
N ALA A 187 -7.20 -3.19 2.09
CA ALA A 187 -7.35 -4.01 3.29
C ALA A 187 -8.18 -3.30 4.35
N THR A 188 -8.42 -2.01 4.12
CA THR A 188 -9.24 -1.21 5.03
C THR A 188 -10.71 -1.58 4.93
N LEU A 189 -11.22 -1.65 3.70
CA LEU A 189 -12.61 -2.00 3.46
C LEU A 189 -12.82 -3.52 3.44
N GLY A 190 -11.74 -4.25 3.18
CA GLY A 190 -11.80 -5.69 3.11
C GLY A 190 -12.09 -6.34 4.45
N ALA A 191 -11.81 -5.61 5.53
CA ALA A 191 -12.01 -6.12 6.88
C ALA A 191 -13.49 -6.28 7.22
N ASP A 192 -14.32 -5.40 6.68
CA ASP A 192 -15.74 -5.40 7.00
C ASP A 192 -16.63 -5.23 5.76
N LEU A 193 -16.33 -5.97 4.70
CA LEU A 193 -17.21 -5.99 3.53
C LEU A 193 -18.00 -7.29 3.55
N VAL A 194 -17.48 -8.27 4.28
CA VAL A 194 -18.22 -9.49 4.56
C VAL A 194 -19.00 -9.31 5.86
N ASP A 195 -20.30 -9.60 5.80
CA ASP A 195 -21.18 -9.52 6.96
C ASP A 195 -20.61 -10.35 8.12
N SER A 196 -20.59 -9.75 9.30
CA SER A 196 -20.08 -10.41 10.50
C SER A 196 -21.05 -11.48 11.01
N THR A 197 -22.35 -11.15 10.97
CA THR A 197 -23.39 -12.07 11.43
C THR A 197 -23.53 -13.26 10.49
N ASP A 198 -23.29 -13.03 9.20
CA ASP A 198 -23.38 -14.07 8.19
C ASP A 198 -22.29 -13.91 7.13
N ASN A 199 -21.28 -14.77 7.17
CA ASN A 199 -20.15 -14.64 6.26
C ASN A 199 -20.46 -15.00 4.81
N THR A 200 -21.66 -15.55 4.57
CA THR A 200 -22.07 -15.85 3.20
C THR A 200 -22.71 -14.63 2.56
N LYS A 201 -22.85 -13.57 3.33
CA LYS A 201 -23.49 -12.35 2.84
C LYS A 201 -22.50 -11.19 2.77
N ILE A 202 -22.74 -10.29 1.83
CA ILE A 202 -21.92 -9.09 1.67
C ILE A 202 -22.64 -7.90 2.30
N ASN A 203 -21.90 -7.11 3.08
CA ASN A 203 -22.46 -5.91 3.69
C ASN A 203 -22.90 -4.89 2.65
N ARG A 204 -24.21 -4.69 2.53
CA ARG A 204 -24.79 -3.83 1.50
C ARG A 204 -24.31 -2.38 1.61
N GLY A 205 -23.97 -1.96 2.83
CA GLY A 205 -23.54 -0.59 3.07
C GLY A 205 -22.21 -0.30 2.43
N ILE A 206 -21.21 -1.10 2.79
CA ILE A 206 -19.86 -0.93 2.26
C ILE A 206 -19.85 -1.13 0.74
N PHE A 207 -20.64 -2.08 0.26
CA PHE A 207 -20.72 -2.37 -1.16
C PHE A 207 -21.09 -1.15 -1.99
N ASN A 208 -22.05 -0.37 -1.51
CA ASN A 208 -22.52 0.81 -2.24
C ASN A 208 -21.43 1.88 -2.36
N GLU A 209 -20.65 2.04 -1.30
CA GLU A 209 -19.55 2.99 -1.30
C GLU A 209 -18.40 2.47 -2.17
N PHE A 210 -18.12 1.19 -2.03
CA PHE A 210 -17.15 0.48 -2.86
C PHE A 210 -17.47 0.67 -4.34
N LYS A 211 -18.75 0.53 -4.67
CA LYS A 211 -19.22 0.61 -6.05
C LYS A 211 -19.22 2.05 -6.56
N LYS A 212 -19.50 2.99 -5.66
CA LYS A 212 -19.63 4.39 -6.02
C LYS A 212 -18.32 5.00 -6.49
N ASN A 213 -17.22 4.53 -5.93
CA ASN A 213 -15.92 5.14 -6.22
C ASN A 213 -15.00 4.27 -7.09
N PHE A 214 -15.51 3.18 -7.62
CA PHE A 214 -14.73 2.37 -8.54
C PHE A 214 -15.21 2.62 -9.98
N LYS A 215 -14.49 3.46 -10.73
CA LYS A 215 -14.89 3.75 -12.09
C LYS A 215 -13.81 3.28 -13.07
N TYR A 216 -12.57 3.22 -12.61
CA TYR A 216 -11.48 2.72 -13.46
C TYR A 216 -10.37 2.02 -12.70
N SER A 217 -9.64 1.16 -13.40
CA SER A 217 -8.59 0.34 -12.80
C SER A 217 -7.36 0.28 -13.70
N ILE A 218 -6.19 0.05 -13.10
CA ILE A 218 -4.95 -0.09 -13.86
C ILE A 218 -4.19 -1.36 -13.48
N SER A 219 -3.70 -2.08 -14.47
CA SER A 219 -2.81 -3.20 -14.21
C SER A 219 -1.39 -2.85 -14.65
N SER A 220 -0.49 -2.73 -13.69
CA SER A 220 0.90 -2.40 -14.00
C SER A 220 1.74 -3.66 -14.16
N ASN A 221 1.22 -4.79 -13.71
CA ASN A 221 1.91 -6.06 -13.91
C ASN A 221 1.19 -6.94 -14.91
N TYR A 222 1.60 -8.20 -15.00
CA TYR A 222 0.98 -9.13 -15.93
C TYR A 222 -0.19 -9.87 -15.30
N MET A 223 -1.41 -9.49 -15.67
CA MET A 223 -2.59 -10.18 -15.19
C MET A 223 -2.64 -11.62 -15.71
N ILE A 224 -2.91 -12.56 -14.83
CA ILE A 224 -3.08 -13.95 -15.22
C ILE A 224 -4.53 -14.35 -15.02
N VAL A 225 -5.24 -14.50 -16.14
CA VAL A 225 -6.68 -14.69 -16.11
C VAL A 225 -7.10 -16.09 -16.52
N ASP A 226 -8.28 -16.50 -16.07
CA ASP A 226 -8.83 -17.81 -16.43
C ASP A 226 -9.74 -17.69 -17.64
N ILE A 227 -9.57 -18.60 -18.60
CA ILE A 227 -10.43 -18.67 -19.77
C ILE A 227 -11.87 -19.01 -19.37
N ASN A 228 -12.00 -19.94 -18.44
CA ASN A 228 -13.30 -20.29 -17.87
C ASN A 228 -13.32 -19.95 -16.39
N GLU A 229 -14.45 -19.46 -15.91
CA GLU A 229 -14.59 -19.01 -14.53
C GLU A 229 -14.33 -20.15 -13.55
N ARG A 230 -13.42 -19.90 -12.61
CA ARG A 230 -13.05 -20.89 -11.60
C ARG A 230 -13.77 -20.58 -10.29
N PRO A 231 -14.35 -21.63 -9.68
CA PRO A 231 -15.04 -21.46 -8.38
C PRO A 231 -14.13 -20.83 -7.33
N ALA A 232 -14.70 -19.97 -6.50
CA ALA A 232 -13.93 -19.23 -5.52
C ALA A 232 -13.24 -20.14 -4.51
N LEU A 233 -12.08 -19.71 -4.04
CA LEU A 233 -11.42 -20.37 -2.92
C LEU A 233 -11.80 -19.65 -1.64
N ASP A 234 -10.94 -19.75 -0.62
CA ASP A 234 -11.27 -19.26 0.72
C ASP A 234 -11.70 -17.79 0.74
N ASN A 235 -10.75 -16.88 0.54
CA ASN A 235 -11.07 -15.47 0.59
C ASN A 235 -11.08 -14.82 -0.79
N GLU A 236 -11.65 -15.54 -1.76
CA GLU A 236 -11.83 -15.00 -3.09
C GLU A 236 -13.27 -14.55 -3.29
N ARG A 237 -13.64 -13.45 -2.65
CA ARG A 237 -15.00 -12.94 -2.73
C ARG A 237 -15.20 -12.02 -3.93
N LEU A 238 -14.11 -11.63 -4.58
CA LEU A 238 -14.17 -10.82 -5.80
C LEU A 238 -14.03 -11.67 -7.06
N LYS A 239 -14.97 -11.51 -7.99
CA LYS A 239 -14.90 -12.25 -9.25
C LYS A 239 -14.96 -11.33 -10.46
N TRP A 240 -13.80 -11.01 -11.00
CA TRP A 240 -13.72 -10.14 -12.17
C TRP A 240 -14.15 -10.85 -13.45
N ARG A 241 -14.92 -10.17 -14.27
CA ARG A 241 -15.23 -10.62 -15.62
C ARG A 241 -14.71 -9.56 -16.59
N ILE A 242 -13.71 -9.95 -17.39
CA ILE A 242 -12.98 -9.00 -18.21
C ILE A 242 -13.22 -9.23 -19.70
N GLN A 243 -13.50 -8.14 -20.41
CA GLN A 243 -13.52 -8.18 -21.87
C GLN A 243 -12.31 -7.46 -22.43
N LEU A 244 -11.53 -8.16 -23.25
CA LEU A 244 -10.32 -7.58 -23.83
C LEU A 244 -10.65 -6.65 -24.99
N SER A 245 -9.68 -5.82 -25.36
CA SER A 245 -9.76 -5.01 -26.56
C SER A 245 -9.03 -5.75 -27.68
N PRO A 246 -9.41 -5.51 -28.95
CA PRO A 246 -8.87 -6.26 -30.09
C PRO A 246 -7.34 -6.37 -30.16
N ASP A 247 -6.63 -5.35 -29.69
CA ASP A 247 -5.18 -5.35 -29.79
C ASP A 247 -4.49 -5.60 -28.44
N THR A 248 -5.26 -6.06 -27.46
CA THR A 248 -4.69 -6.48 -26.19
C THR A 248 -3.77 -7.67 -26.39
N ARG A 249 -2.49 -7.48 -26.12
CA ARG A 249 -1.51 -8.54 -26.30
C ARG A 249 -1.55 -9.53 -25.14
N ALA A 250 -1.53 -10.82 -25.46
CA ALA A 250 -1.61 -11.84 -24.45
C ALA A 250 -0.89 -13.11 -24.88
N GLY A 251 -0.79 -14.07 -23.95
CA GLY A 251 -0.21 -15.37 -24.25
C GLY A 251 -0.97 -16.49 -23.55
N TYR A 252 -1.04 -17.65 -24.18
CA TYR A 252 -1.72 -18.80 -23.59
C TYR A 252 -0.85 -19.48 -22.54
N LEU A 253 -1.47 -19.81 -21.41
CA LEU A 253 -0.80 -20.61 -20.38
C LEU A 253 -1.53 -21.92 -20.24
N GLU A 254 -0.82 -22.96 -19.83
CA GLU A 254 -1.40 -24.29 -19.67
C GLU A 254 -2.58 -24.24 -18.71
N ASN A 255 -3.49 -25.20 -18.87
CA ASN A 255 -4.66 -25.34 -18.01
C ASN A 255 -5.62 -24.17 -18.12
N GLY A 256 -5.83 -23.71 -19.35
CA GLY A 256 -6.88 -22.75 -19.67
C GLY A 256 -6.71 -21.38 -19.05
N LYS A 257 -5.56 -20.77 -19.26
CA LYS A 257 -5.29 -19.45 -18.72
C LYS A 257 -4.57 -18.55 -19.73
N LEU A 258 -4.78 -17.24 -19.59
CA LEU A 258 -4.10 -16.27 -20.43
C LEU A 258 -3.25 -15.32 -19.60
N ILE A 259 -2.07 -14.98 -20.08
CA ILE A 259 -1.28 -13.95 -19.44
C ILE A 259 -1.36 -12.68 -20.26
N LEU A 260 -1.91 -11.63 -19.66
CA LEU A 260 -2.11 -10.37 -20.35
C LEU A 260 -0.88 -9.49 -20.23
N GLN A 261 -0.65 -8.65 -21.24
CA GLN A 261 0.41 -7.66 -21.21
C GLN A 261 0.26 -6.73 -20.01
N ARG A 262 1.38 -6.17 -19.56
CA ARG A 262 1.38 -5.20 -18.48
C ARG A 262 0.91 -3.84 -18.99
N ASN A 263 0.72 -2.90 -18.07
CA ASN A 263 0.33 -1.52 -18.40
C ASN A 263 -0.94 -1.42 -19.24
N ILE A 264 -2.03 -1.99 -18.74
CA ILE A 264 -3.32 -1.83 -19.39
C ILE A 264 -4.31 -1.16 -18.44
N GLY A 265 -5.30 -0.49 -19.01
CA GLY A 265 -6.35 0.15 -18.23
C GLY A 265 -7.66 -0.59 -18.33
N LEU A 266 -8.45 -0.53 -17.26
CA LEU A 266 -9.75 -1.19 -17.23
C LEU A 266 -10.84 -0.22 -16.77
N GLU A 267 -11.85 -0.01 -17.61
CA GLU A 267 -13.02 0.75 -17.21
C GLU A 267 -14.02 -0.17 -16.53
N ILE A 268 -14.41 0.20 -15.32
CA ILE A 268 -15.41 -0.57 -14.59
C ILE A 268 -16.78 -0.32 -15.18
N LYS A 269 -17.36 -1.36 -15.76
CA LYS A 269 -18.66 -1.22 -16.43
C LYS A 269 -19.83 -1.55 -15.52
N ASP A 270 -19.61 -2.44 -14.56
CA ASP A 270 -20.67 -2.83 -13.64
C ASP A 270 -20.10 -3.56 -12.43
N VAL A 271 -20.63 -3.23 -11.25
CA VAL A 271 -20.30 -3.92 -10.02
C VAL A 271 -21.58 -4.37 -9.34
N GLN A 272 -21.79 -5.68 -9.27
CA GLN A 272 -23.02 -6.22 -8.70
C GLN A 272 -22.73 -7.30 -7.66
N ILE A 273 -23.70 -7.51 -6.78
CA ILE A 273 -23.64 -8.64 -5.86
C ILE A 273 -24.39 -9.82 -6.46
N ILE A 274 -23.70 -10.94 -6.63
CA ILE A 274 -24.32 -12.12 -7.21
C ILE A 274 -24.24 -13.31 -6.27
N LYS A 275 -24.96 -14.36 -6.61
CA LYS A 275 -25.02 -15.55 -5.78
C LYS A 275 -24.43 -16.76 -6.49
N GLN A 276 -23.38 -17.32 -5.90
CA GLN A 276 -22.84 -18.57 -6.38
C GLN A 276 -22.80 -19.57 -5.24
N SER A 277 -23.70 -20.55 -5.32
CA SER A 277 -23.67 -21.69 -4.43
C SER A 277 -24.09 -21.26 -3.02
N GLU A 278 -25.17 -20.50 -2.96
CA GLU A 278 -25.74 -19.98 -1.71
C GLU A 278 -24.74 -19.14 -0.90
N LYS A 279 -23.73 -18.60 -1.58
CA LYS A 279 -22.83 -17.62 -0.98
C LYS A 279 -22.76 -16.39 -1.89
N GLU A 280 -22.62 -15.21 -1.28
CA GLU A 280 -22.61 -13.98 -2.05
C GLU A 280 -21.21 -13.52 -2.42
N TYR A 281 -21.03 -13.14 -3.68
CA TYR A 281 -19.77 -12.63 -4.18
C TYR A 281 -19.99 -11.30 -4.91
N ILE A 282 -18.93 -10.52 -5.04
CA ILE A 282 -18.97 -9.31 -5.83
C ILE A 282 -18.44 -9.57 -7.23
N ARG A 283 -19.28 -9.34 -8.24
CA ARG A 283 -18.82 -9.44 -9.61
C ARG A 283 -18.40 -8.07 -10.14
N ILE A 284 -17.20 -8.02 -10.68
CA ILE A 284 -16.69 -6.80 -11.30
C ILE A 284 -16.54 -6.99 -12.80
N ASP A 285 -17.41 -6.33 -13.57
CA ASP A 285 -17.28 -6.32 -15.02
C ASP A 285 -16.40 -5.16 -15.45
N ALA A 286 -15.38 -5.46 -16.25
CA ALA A 286 -14.43 -4.45 -16.67
C ALA A 286 -14.00 -4.65 -18.13
N LYS A 287 -13.83 -3.55 -18.84
CA LYS A 287 -13.38 -3.59 -20.23
C LYS A 287 -11.98 -2.99 -20.36
N VAL A 288 -11.10 -3.72 -21.04
CA VAL A 288 -9.74 -3.24 -21.28
C VAL A 288 -9.72 -2.01 -22.18
N VAL A 289 -9.13 -0.93 -21.67
CA VAL A 289 -8.97 0.30 -22.43
C VAL A 289 -7.49 0.69 -22.44
N PRO A 290 -7.10 1.63 -23.30
CA PRO A 290 -5.72 2.13 -23.23
C PRO A 290 -5.39 2.74 -21.86
N LYS A 291 -4.25 2.38 -21.31
CA LYS A 291 -3.85 2.87 -19.98
C LYS A 291 -3.72 4.39 -19.95
N SER A 292 -3.32 4.98 -21.08
CA SER A 292 -3.14 6.41 -21.18
C SER A 292 -4.47 7.16 -21.03
N LYS A 293 -5.56 6.50 -21.45
CA LYS A 293 -6.89 7.08 -21.33
C LYS A 293 -7.26 7.26 -19.87
N ILE A 294 -6.78 6.34 -19.03
CA ILE A 294 -7.07 6.37 -17.61
C ILE A 294 -6.08 7.26 -16.86
N ASP A 295 -4.83 7.27 -17.31
CA ASP A 295 -3.83 8.16 -16.74
C ASP A 295 -4.26 9.61 -16.93
N THR A 296 -4.98 9.86 -18.03
CA THR A 296 -5.50 11.18 -18.32
C THR A 296 -6.52 11.60 -17.28
N LYS A 297 -7.46 10.71 -16.98
CA LYS A 297 -8.49 10.97 -15.97
C LYS A 297 -7.86 11.21 -14.61
N ILE A 298 -6.79 10.48 -14.32
CA ILE A 298 -6.08 10.63 -13.06
C ILE A 298 -5.40 11.99 -12.97
N GLN A 299 -4.67 12.36 -14.02
CA GLN A 299 -3.98 13.65 -14.08
C GLN A 299 -4.95 14.83 -14.08
N GLU A 300 -6.10 14.65 -14.73
CA GLU A 300 -7.15 15.67 -14.71
C GLU A 300 -7.68 15.84 -13.29
N ALA A 301 -7.82 14.73 -12.57
CA ALA A 301 -8.32 14.78 -11.20
C ALA A 301 -7.28 15.40 -10.28
N GLN A 302 -6.01 15.19 -10.59
CA GLN A 302 -4.93 15.72 -9.76
C GLN A 302 -4.85 17.24 -9.89
N LEU A 303 -5.07 17.73 -11.10
CA LEU A 303 -5.04 19.16 -11.35
C LEU A 303 -6.26 19.86 -10.76
N ASN A 304 -7.37 19.16 -10.72
CA ASN A 304 -8.62 19.71 -10.18
C ASN A 304 -8.57 19.85 -8.66
N ILE A 305 -8.12 18.81 -7.98
CA ILE A 305 -8.07 18.80 -6.52
C ILE A 305 -7.02 19.79 -6.02
N ASN A 306 -6.01 20.07 -6.83
CA ASN A 306 -5.02 21.07 -6.49
C ASN A 306 -5.59 22.47 -6.67
N GLN A 307 -6.38 22.66 -7.73
CA GLN A 307 -7.03 23.94 -7.96
C GLN A 307 -7.98 24.29 -6.82
N GLU A 308 -8.75 23.30 -6.37
CA GLU A 308 -9.65 23.49 -5.25
C GLU A 308 -8.90 23.90 -3.99
N TRP A 309 -7.87 23.13 -3.65
CA TRP A 309 -7.18 23.31 -2.38
C TRP A 309 -6.16 24.45 -2.40
N ASN A 310 -5.75 24.89 -3.58
CA ASN A 310 -4.91 26.08 -3.67
C ASN A 310 -5.70 27.33 -3.32
N LYS A 311 -6.94 27.41 -3.81
CA LYS A 311 -7.82 28.51 -3.51
C LYS A 311 -8.27 28.46 -2.05
N ALA A 312 -8.62 27.26 -1.58
CA ALA A 312 -9.12 27.08 -0.22
C ALA A 312 -8.06 27.36 0.84
N LEU A 313 -6.80 27.19 0.48
CA LEU A 313 -5.70 27.37 1.43
C LEU A 313 -5.01 28.71 1.26
N GLY A 314 -5.43 29.47 0.26
CA GLY A 314 -4.80 30.74 -0.04
C GLY A 314 -3.40 30.52 -0.59
N LEU A 315 -3.31 29.64 -1.58
CA LEU A 315 -2.04 29.31 -2.22
C LEU A 315 -2.04 29.78 -3.67
N PRO A 316 -0.84 29.97 -4.24
CA PRO A 316 -0.72 30.27 -5.68
C PRO A 316 -1.49 29.26 -6.53
N LYS A 317 -2.08 29.74 -7.62
CA LYS A 317 -3.02 28.95 -8.42
C LYS A 317 -2.43 27.66 -8.98
N TYR A 318 -1.12 27.68 -9.26
CA TYR A 318 -0.47 26.58 -9.95
C TYR A 318 0.41 25.73 -9.04
N THR A 319 0.25 25.89 -7.73
CA THR A 319 1.06 25.16 -6.76
C THR A 319 0.80 23.66 -6.78
N LYS A 320 1.87 22.88 -6.95
CA LYS A 320 1.78 21.42 -6.93
C LYS A 320 1.94 20.90 -5.51
N LEU A 321 0.81 20.65 -4.84
CA LEU A 321 0.81 20.19 -3.46
C LEU A 321 0.35 18.75 -3.34
N ILE A 322 -0.69 18.40 -4.09
CA ILE A 322 -1.29 17.08 -4.00
C ILE A 322 -0.90 16.22 -5.20
N THR A 323 -0.30 15.07 -4.92
CA THR A 323 0.15 14.15 -5.95
C THR A 323 -0.65 12.87 -5.96
N PHE A 324 -1.09 12.44 -7.14
CA PHE A 324 -1.69 11.13 -7.30
C PHE A 324 -0.70 10.18 -7.95
N ASN A 325 0.02 9.44 -7.13
CA ASN A 325 0.94 8.42 -7.63
C ASN A 325 0.21 7.09 -7.72
N VAL A 326 -0.61 6.94 -8.75
CA VAL A 326 -1.54 5.82 -8.83
C VAL A 326 -1.25 4.89 -10.01
N HIS A 327 -1.08 3.61 -9.74
CA HIS A 327 -0.67 2.66 -10.79
C HIS A 327 -1.33 1.28 -10.71
N ASN A 328 -2.23 1.07 -9.77
CA ASN A 328 -2.74 -0.29 -9.52
C ASN A 328 -4.26 -0.48 -9.64
N ARG A 329 -4.72 -1.64 -9.19
CA ARG A 329 -6.03 -2.17 -9.56
C ARG A 329 -7.22 -1.41 -8.96
N TYR A 330 -7.03 -0.77 -7.81
CA TYR A 330 -8.12 0.04 -7.29
C TYR A 330 -7.80 1.53 -7.43
N ALA A 331 -7.40 1.93 -8.63
CA ALA A 331 -6.89 3.26 -8.91
C ALA A 331 -7.84 4.41 -8.53
N SER A 332 -9.08 4.33 -8.99
CA SER A 332 -10.02 5.45 -8.87
C SER A 332 -10.37 5.80 -7.42
N ASN A 333 -10.28 4.82 -6.53
CA ASN A 333 -10.60 5.05 -5.14
C ASN A 333 -9.51 5.80 -4.40
N ILE A 334 -8.25 5.54 -4.77
CA ILE A 334 -7.13 6.29 -4.24
C ILE A 334 -7.38 7.77 -4.54
N VAL A 335 -7.89 8.03 -5.75
CA VAL A 335 -8.25 9.38 -6.14
C VAL A 335 -9.43 9.90 -5.34
N GLU A 336 -10.46 9.08 -5.20
CA GLU A 336 -11.69 9.49 -4.53
C GLU A 336 -11.53 9.59 -3.02
N SER A 337 -10.58 8.84 -2.47
CA SER A 337 -10.34 8.86 -1.03
C SER A 337 -9.60 10.12 -0.60
N ALA A 338 -8.72 10.61 -1.47
CA ALA A 338 -7.95 11.81 -1.18
C ALA A 338 -8.87 13.00 -0.94
N TYR A 339 -9.94 13.08 -1.73
CA TYR A 339 -10.93 14.14 -1.58
C TYR A 339 -11.59 14.09 -0.19
N LEU A 340 -12.01 12.90 0.22
CA LEU A 340 -12.69 12.72 1.50
C LEU A 340 -11.75 12.95 2.68
N ILE A 341 -10.52 12.45 2.55
CA ILE A 341 -9.51 12.56 3.59
C ILE A 341 -9.15 14.00 3.89
N LEU A 342 -8.92 14.78 2.83
CA LEU A 342 -8.58 16.19 2.98
C LEU A 342 -9.77 17.00 3.52
N ASN A 343 -10.98 16.54 3.23
CA ASN A 343 -12.18 17.19 3.75
C ASN A 343 -12.32 16.99 5.26
N GLU A 344 -12.13 15.76 5.72
CA GLU A 344 -12.16 15.46 7.16
C GLU A 344 -11.03 16.19 7.87
N TRP A 345 -9.89 16.29 7.20
CA TRP A 345 -8.74 17.05 7.66
C TRP A 345 -9.10 18.52 7.86
N LYS A 346 -9.78 19.09 6.87
CA LYS A 346 -10.19 20.49 6.91
C LYS A 346 -11.24 20.75 7.98
N ASN A 347 -12.14 19.79 8.18
CA ASN A 347 -13.22 19.93 9.14
C ASN A 347 -12.79 19.85 10.60
N ASN A 348 -11.77 19.04 10.88
CA ASN A 348 -11.38 18.78 12.27
C ASN A 348 -10.19 19.58 12.76
N ILE A 349 -9.59 20.39 11.89
CA ILE A 349 -8.42 21.18 12.27
C ILE A 349 -8.61 22.65 11.91
N GLN A 350 -8.24 23.53 12.85
CA GLN A 350 -8.34 24.98 12.67
C GLN A 350 -7.73 25.43 11.35
N SER A 351 -8.44 26.28 10.62
CA SER A 351 -8.01 26.71 9.29
C SER A 351 -6.68 27.45 9.33
N ASP A 352 -6.39 28.13 10.42
CA ASP A 352 -5.14 28.87 10.55
C ASP A 352 -3.95 27.94 10.82
N LEU A 353 -4.20 26.90 11.62
CA LEU A 353 -3.17 25.90 11.87
C LEU A 353 -2.82 25.18 10.57
N ILE A 354 -3.83 24.94 9.75
CA ILE A 354 -3.65 24.29 8.47
C ILE A 354 -2.84 25.14 7.49
N LYS A 355 -3.28 26.37 7.27
CA LYS A 355 -2.63 27.26 6.31
C LYS A 355 -1.16 27.50 6.64
N LYS A 356 -0.89 27.78 7.92
CA LYS A 356 0.46 28.08 8.39
C LYS A 356 1.42 26.92 8.16
N VAL A 357 0.99 25.72 8.55
CA VAL A 357 1.83 24.53 8.41
C VAL A 357 1.97 24.11 6.94
N THR A 358 0.87 24.18 6.19
CA THR A 358 0.90 23.80 4.79
C THR A 358 1.82 24.72 3.99
N ASN A 359 1.73 26.03 4.24
CA ASN A 359 2.60 26.99 3.58
C ASN A 359 4.07 26.71 3.86
N TYR A 360 4.34 26.19 5.06
CA TYR A 360 5.68 25.78 5.45
C TYR A 360 6.15 24.60 4.60
N LEU A 361 5.27 23.63 4.40
CA LEU A 361 5.60 22.47 3.58
C LEU A 361 5.88 22.90 2.14
N VAL A 362 5.04 23.79 1.64
CA VAL A 362 5.19 24.28 0.27
C VAL A 362 6.52 25.02 0.08
N ASP A 363 6.97 25.71 1.13
CA ASP A 363 8.28 26.38 1.10
C ASP A 363 9.40 25.37 0.84
N GLY A 364 9.25 24.16 1.39
CA GLY A 364 10.24 23.12 1.21
C GLY A 364 9.89 22.19 0.06
N ASN A 365 9.01 22.65 -0.82
CA ASN A 365 8.58 21.88 -1.99
C ASN A 365 7.96 20.54 -1.59
N GLY A 366 7.05 20.58 -0.63
CA GLY A 366 6.44 19.38 -0.09
C GLY A 366 5.25 18.88 -0.89
N ARG A 367 4.76 17.70 -0.53
CA ARG A 367 3.64 17.09 -1.24
C ARG A 367 2.74 16.31 -0.29
N PHE A 368 1.46 16.24 -0.63
CA PHE A 368 0.59 15.23 -0.05
C PHE A 368 0.46 14.12 -1.10
N VAL A 369 1.18 13.02 -0.87
CA VAL A 369 1.20 11.93 -1.86
C VAL A 369 0.19 10.83 -1.53
N PHE A 370 -0.78 10.66 -2.42
CA PHE A 370 -1.75 9.56 -2.32
C PHE A 370 -1.43 8.52 -3.38
N THR A 371 -1.06 7.31 -2.93
CA THR A 371 -0.53 6.32 -3.84
C THR A 371 -1.00 4.90 -3.58
N ASP A 372 -0.91 4.05 -4.61
CA ASP A 372 -1.18 2.64 -4.47
C ASP A 372 0.07 1.82 -4.69
N ILE A 373 1.21 2.49 -4.72
CA ILE A 373 2.50 1.80 -4.74
C ILE A 373 3.15 1.94 -3.38
N THR A 374 4.12 1.07 -3.08
CA THR A 374 4.70 1.04 -1.74
C THR A 374 5.60 2.25 -1.51
N LEU A 375 5.56 2.76 -0.28
CA LEU A 375 6.28 3.97 0.08
C LEU A 375 7.80 3.96 -0.19
N PRO A 376 8.47 2.79 -0.05
CA PRO A 376 9.89 2.82 -0.43
C PRO A 376 10.11 3.19 -1.90
N ASN A 377 9.08 3.04 -2.72
CA ASN A 377 9.19 3.38 -4.14
C ASN A 377 8.68 4.78 -4.43
N ILE A 378 8.38 5.53 -3.37
CA ILE A 378 7.99 6.93 -3.50
C ILE A 378 9.22 7.84 -3.43
N ALA A 379 9.42 8.65 -4.46
CA ALA A 379 10.59 9.51 -4.57
C ALA A 379 10.72 10.46 -3.38
N GLU A 380 9.59 10.91 -2.84
CA GLU A 380 9.61 11.78 -1.67
C GLU A 380 10.26 11.09 -0.47
N GLN A 381 10.41 9.77 -0.52
CA GLN A 381 11.15 9.07 0.53
C GLN A 381 12.55 8.66 0.11
N TYR A 382 12.66 7.91 -0.99
CA TYR A 382 13.93 7.26 -1.29
C TYR A 382 15.03 8.23 -1.74
N THR A 383 14.66 9.42 -2.20
CA THR A 383 15.70 10.40 -2.58
C THR A 383 16.41 10.93 -1.34
N HIS A 384 15.83 10.68 -0.17
CA HIS A 384 16.44 11.09 1.09
C HIS A 384 16.80 9.88 1.94
N GLN A 385 16.62 8.70 1.39
CA GLN A 385 16.89 7.46 2.11
C GLN A 385 17.57 6.44 1.20
N ASP A 386 18.89 6.54 1.10
CA ASP A 386 19.67 5.70 0.19
C ASP A 386 19.75 4.25 0.66
N GLU A 387 19.92 4.07 1.97
CA GLU A 387 19.97 2.73 2.56
C GLU A 387 18.59 2.09 2.57
N ILE A 388 18.46 0.98 1.85
CA ILE A 388 17.18 0.28 1.76
C ILE A 388 16.73 -0.23 3.13
N TYR A 389 17.68 -0.56 3.99
CA TYR A 389 17.33 -1.08 5.32
C TYR A 389 16.76 0.04 6.20
N GLU A 390 16.81 1.28 5.71
CA GLU A 390 16.21 2.39 6.41
C GLU A 390 14.90 2.82 5.74
N GLN A 391 14.67 2.31 4.54
CA GLN A 391 13.44 2.59 3.82
C GLN A 391 12.26 1.92 4.52
N VAL A 392 11.15 2.64 4.62
CA VAL A 392 10.00 2.16 5.37
C VAL A 392 8.78 1.99 4.48
N HIS A 393 8.10 0.86 4.61
CA HIS A 393 6.75 0.76 4.07
C HIS A 393 5.75 0.69 5.20
N SER A 394 4.67 1.44 5.03
CA SER A 394 3.59 1.48 6.01
C SER A 394 2.41 2.16 5.35
N LYS A 395 1.35 2.41 6.11
CA LYS A 395 0.17 3.03 5.54
C LYS A 395 0.42 4.50 5.26
N GLY A 396 1.17 5.13 6.17
CA GLY A 396 1.42 6.56 6.09
C GLY A 396 2.79 6.93 6.61
N LEU A 397 3.23 8.13 6.27
CA LEU A 397 4.57 8.57 6.63
C LEU A 397 4.69 10.08 6.50
N TYR A 398 5.53 10.67 7.32
CA TYR A 398 5.93 12.07 7.11
C TYR A 398 7.43 12.14 6.94
N VAL A 399 7.87 12.76 5.84
CA VAL A 399 9.29 12.85 5.54
C VAL A 399 9.74 14.30 5.60
N PRO A 400 10.35 14.69 6.73
CA PRO A 400 10.80 16.07 6.96
C PRO A 400 11.79 16.57 5.92
N GLU A 401 12.62 15.67 5.38
CA GLU A 401 13.62 16.08 4.39
C GLU A 401 12.94 16.60 3.12
N SER A 402 11.77 16.06 2.80
CA SER A 402 11.01 16.48 1.64
C SER A 402 9.72 17.20 2.03
N ARG A 403 9.51 17.35 3.34
CA ARG A 403 8.32 17.98 3.89
C ARG A 403 7.05 17.42 3.26
N SER A 404 6.96 16.09 3.18
CA SER A 404 5.84 15.47 2.50
C SER A 404 5.11 14.44 3.35
N ILE A 405 3.80 14.35 3.12
CA ILE A 405 2.98 13.31 3.72
C ILE A 405 2.67 12.25 2.68
N LEU A 406 3.01 11.00 2.98
CA LEU A 406 2.77 9.91 2.04
C LEU A 406 1.71 8.99 2.61
N LEU A 407 0.70 8.69 1.81
CA LEU A 407 -0.37 7.81 2.28
C LEU A 407 -0.60 6.66 1.31
N HIS A 408 -0.39 5.45 1.81
CA HIS A 408 -0.57 4.23 1.01
C HIS A 408 -1.97 3.66 1.19
N GLY A 409 -2.81 3.83 0.17
CA GLY A 409 -4.19 3.36 0.21
C GLY A 409 -4.46 1.90 0.53
N PRO A 410 -3.89 0.97 -0.25
CA PRO A 410 -4.22 -0.46 -0.13
C PRO A 410 -4.01 -1.07 1.27
N SER A 411 -2.85 -0.85 1.87
CA SER A 411 -2.46 -1.55 3.09
C SER A 411 -3.40 -1.29 4.27
N LYS A 412 -3.28 -2.16 5.28
CA LYS A 412 -4.02 -2.00 6.54
C LYS A 412 -3.15 -1.28 7.58
N GLY A 413 -3.75 -0.35 8.31
CA GLY A 413 -3.00 0.45 9.26
C GLY A 413 -3.08 -0.05 10.68
N VAL A 414 -2.07 0.27 11.48
CA VAL A 414 -2.01 -0.15 12.87
C VAL A 414 -2.95 0.67 13.75
N GLU A 415 -3.91 -0.01 14.37
CA GLU A 415 -4.76 0.55 15.43
C GLU A 415 -5.68 1.70 15.00
N LEU A 416 -5.59 2.13 13.75
CA LEU A 416 -6.45 3.20 13.28
C LEU A 416 -7.64 2.66 12.49
N ARG A 417 -8.73 3.44 12.47
CA ARG A 417 -9.94 3.03 11.77
C ARG A 417 -9.84 3.34 10.27
N ASN A 418 -10.00 4.61 9.92
CA ASN A 418 -9.97 5.04 8.54
C ASN A 418 -8.68 5.79 8.19
N ASP A 419 -8.55 6.18 6.93
CA ASP A 419 -7.36 6.88 6.47
C ASP A 419 -7.39 8.35 6.88
N SER A 420 -8.58 8.87 7.17
CA SER A 420 -8.72 10.26 7.57
C SER A 420 -8.01 10.53 8.88
N GLU A 421 -8.09 9.59 9.81
CA GLU A 421 -7.37 9.68 11.07
C GLU A 421 -5.88 9.52 10.84
N GLY A 422 -5.53 8.72 9.83
CA GLY A 422 -4.15 8.50 9.47
C GLY A 422 -3.46 9.76 8.97
N PHE A 423 -4.15 10.50 8.10
CA PHE A 423 -3.59 11.72 7.54
C PHE A 423 -3.36 12.77 8.61
N ILE A 424 -4.36 12.98 9.45
CA ILE A 424 -4.29 13.94 10.55
C ILE A 424 -3.11 13.62 11.46
N HIS A 425 -2.90 12.33 11.69
CA HIS A 425 -1.74 11.86 12.45
C HIS A 425 -0.45 12.30 11.76
N GLU A 426 -0.38 12.10 10.45
CA GLU A 426 0.78 12.52 9.67
C GLU A 426 0.96 14.02 9.71
N PHE A 427 -0.15 14.76 9.69
CA PHE A 427 -0.12 16.20 9.77
C PHE A 427 0.42 16.67 11.12
N GLY A 428 0.20 15.86 12.14
CA GLY A 428 0.71 16.15 13.47
C GLY A 428 2.22 16.14 13.47
N HIS A 429 2.78 15.31 12.60
CA HIS A 429 4.22 15.26 12.40
C HIS A 429 4.75 16.54 11.77
N ALA A 430 3.99 17.08 10.83
CA ALA A 430 4.36 18.33 10.18
C ALA A 430 4.22 19.48 11.15
N VAL A 431 3.23 19.40 12.03
CA VAL A 431 3.07 20.40 13.10
C VAL A 431 4.26 20.36 14.04
N ASP A 432 4.67 19.16 14.42
CA ASP A 432 5.86 18.95 15.24
C ASP A 432 7.08 19.60 14.58
N ASP A 433 7.24 19.33 13.29
CA ASP A 433 8.33 19.88 12.51
C ASP A 433 8.32 21.41 12.53
N TYR A 434 7.19 21.99 12.14
CA TYR A 434 7.07 23.44 12.02
C TYR A 434 7.23 24.15 13.36
N ALA A 435 6.77 23.51 14.44
CA ALA A 435 6.91 24.07 15.78
C ALA A 435 8.38 24.23 16.13
N GLY A 436 9.17 23.20 15.84
CA GLY A 436 10.59 23.23 16.13
C GLY A 436 11.36 24.19 15.24
N TYR A 437 10.85 24.42 14.04
CA TYR A 437 11.48 25.36 13.12
C TYR A 437 11.33 26.79 13.61
N LEU A 438 10.12 27.16 14.00
CA LEU A 438 9.84 28.50 14.50
C LEU A 438 10.61 28.76 15.80
N LEU A 439 10.90 27.70 16.53
CA LEU A 439 11.64 27.79 17.78
C LEU A 439 13.10 28.17 17.53
N ASP A 440 13.63 27.73 16.39
CA ASP A 440 15.01 28.04 16.01
C ASP A 440 15.18 27.78 14.52
N LYS A 441 15.09 28.84 13.72
CA LYS A 441 15.03 28.72 12.27
C LYS A 441 16.38 28.38 11.63
N ASN A 442 17.42 28.30 12.44
CA ASN A 442 18.75 27.96 11.96
C ASN A 442 19.12 26.52 12.30
N GLN A 443 18.65 26.04 13.43
CA GLN A 443 18.79 24.64 13.80
C GLN A 443 17.82 23.78 13.00
N SER A 444 16.56 24.17 13.05
CA SER A 444 15.47 23.45 12.40
C SER A 444 15.43 21.98 12.84
N ASP A 445 15.05 21.76 14.09
CA ASP A 445 14.89 20.43 14.64
C ASP A 445 13.41 20.23 15.01
N LEU A 446 13.03 18.99 15.31
CA LEU A 446 11.67 18.69 15.75
C LEU A 446 11.45 19.13 17.18
N VAL A 447 10.29 19.73 17.46
CA VAL A 447 10.02 20.25 18.80
C VAL A 447 9.90 19.12 19.83
N THR A 448 9.74 17.89 19.35
CA THR A 448 9.67 16.73 20.24
C THR A 448 11.07 16.28 20.65
N ASN A 449 12.08 16.87 20.03
CA ASN A 449 13.45 16.62 20.43
C ASN A 449 13.88 17.61 21.50
N SER A 450 13.03 18.60 21.77
CA SER A 450 13.25 19.53 22.87
C SER A 450 13.16 18.82 24.20
N LYS A 451 13.95 19.25 25.18
CA LYS A 451 14.07 18.54 26.45
C LYS A 451 12.77 18.58 27.24
N LYS A 452 12.03 19.67 27.11
CA LYS A 452 10.76 19.82 27.80
C LYS A 452 9.80 18.70 27.42
N PHE A 453 9.65 18.46 26.12
CA PHE A 453 8.73 17.43 25.67
C PHE A 453 9.28 16.04 25.98
N ILE A 454 10.60 15.88 25.94
CA ILE A 454 11.22 14.60 26.26
C ILE A 454 10.82 14.15 27.65
N ASP A 455 10.87 15.08 28.60
CA ASP A 455 10.46 14.76 29.96
C ASP A 455 8.96 14.49 30.03
N ILE A 456 8.19 15.21 29.22
CA ILE A 456 6.75 14.97 29.15
C ILE A 456 6.48 13.56 28.64
N PHE A 457 7.27 13.12 27.67
CA PHE A 457 7.12 11.78 27.11
C PHE A 457 7.51 10.70 28.12
N LYS A 458 8.53 10.97 28.92
CA LYS A 458 9.00 10.00 29.91
C LYS A 458 7.94 9.72 30.97
N GLU A 459 7.03 10.66 31.16
CA GLU A 459 5.97 10.51 32.16
C GLU A 459 4.67 10.01 31.53
N GLU A 460 4.11 10.79 30.62
CA GLU A 460 2.79 10.50 30.05
C GLU A 460 2.85 9.63 28.80
N GLY A 461 4.05 9.22 28.40
CA GLY A 461 4.24 8.48 27.16
C GLY A 461 3.51 7.15 27.05
N SER A 462 3.06 6.62 28.18
CA SER A 462 2.42 5.30 28.19
C SER A 462 0.91 5.39 28.45
N ASN A 463 0.37 6.59 28.42
CA ASN A 463 -1.04 6.78 28.73
C ASN A 463 -1.94 6.62 27.51
N LEU A 464 -1.48 7.15 26.37
CA LEU A 464 -2.29 7.14 25.16
C LEU A 464 -2.21 5.81 24.42
N THR A 465 -2.35 5.86 23.10
CA THR A 465 -2.38 4.66 22.28
C THR A 465 -1.12 3.81 22.41
N SER A 466 -1.25 2.52 22.13
CA SER A 466 -0.13 1.59 22.23
C SER A 466 1.02 2.03 21.34
N TYR A 467 0.71 2.48 20.13
CA TYR A 467 1.76 2.90 19.20
C TYR A 467 2.35 4.23 19.60
N GLY A 468 1.62 5.00 20.39
CA GLY A 468 2.10 6.27 20.90
C GLY A 468 3.28 6.09 21.85
N ARG A 469 3.52 4.85 22.26
CA ARG A 469 4.60 4.54 23.19
C ARG A 469 5.94 4.33 22.48
N THR A 470 5.92 4.40 21.15
CA THR A 470 7.12 4.14 20.35
C THR A 470 8.22 5.16 20.66
N ASN A 471 7.92 6.43 20.46
CA ASN A 471 8.86 7.49 20.79
C ASN A 471 8.16 8.84 20.93
N GLU A 472 8.95 9.88 21.18
CA GLU A 472 8.43 11.22 21.38
C GLU A 472 7.64 11.72 20.17
N ALA A 473 8.22 11.54 18.98
CA ALA A 473 7.59 12.03 17.76
C ALA A 473 6.25 11.33 17.53
N GLU A 474 6.24 10.02 17.73
CA GLU A 474 5.03 9.22 17.57
C GLU A 474 3.96 9.58 18.61
N PHE A 475 4.41 9.74 19.84
CA PHE A 475 3.52 10.10 20.94
C PHE A 475 2.82 11.42 20.66
N PHE A 476 3.59 12.39 20.21
CA PHE A 476 3.07 13.70 19.82
C PHE A 476 2.02 13.59 18.73
N ALA A 477 2.32 12.79 17.71
CA ALA A 477 1.43 12.62 16.55
C ALA A 477 0.11 11.97 16.96
N GLU A 478 0.20 10.90 17.73
CA GLU A 478 -1.00 10.23 18.25
C GLU A 478 -1.82 11.17 19.14
N ALA A 479 -1.13 11.92 20.00
CA ALA A 479 -1.80 12.87 20.87
C ALA A 479 -2.53 13.91 20.04
N PHE A 480 -1.87 14.42 19.01
CA PHE A 480 -2.44 15.43 18.13
C PHE A 480 -3.69 14.89 17.44
N ARG A 481 -3.61 13.65 16.97
CA ARG A 481 -4.71 13.02 16.26
C ARG A 481 -5.96 12.91 17.14
N LEU A 482 -5.77 12.45 18.37
CA LEU A 482 -6.87 12.25 19.29
C LEU A 482 -7.47 13.57 19.76
N MET A 483 -6.66 14.63 19.77
CA MET A 483 -7.13 15.95 20.14
C MET A 483 -7.98 16.57 19.04
N HIS A 484 -7.95 15.97 17.85
CA HIS A 484 -8.72 16.48 16.73
C HIS A 484 -9.66 15.43 16.16
N SER A 485 -10.05 14.48 17.02
CA SER A 485 -11.00 13.43 16.64
C SER A 485 -12.43 13.97 16.62
N THR A 486 -13.29 13.29 15.86
CA THR A 486 -14.71 13.63 15.83
C THR A 486 -15.37 13.11 17.09
N ASP A 487 -14.78 12.08 17.68
CA ASP A 487 -15.26 11.50 18.93
C ASP A 487 -14.87 12.38 20.11
N HIS A 488 -15.86 12.97 20.75
CA HIS A 488 -15.64 13.86 21.89
C HIS A 488 -14.87 13.17 23.01
N ALA A 489 -15.16 11.90 23.23
CA ALA A 489 -14.58 11.15 24.34
C ALA A 489 -13.06 11.07 24.23
N GLU A 490 -12.57 10.82 23.03
CA GLU A 490 -11.14 10.62 22.82
C GLU A 490 -10.36 11.93 22.92
N ARG A 491 -11.01 13.05 22.66
CA ARG A 491 -10.38 14.35 22.90
C ARG A 491 -10.16 14.52 24.39
N LEU A 492 -11.17 14.14 25.17
CA LEU A 492 -11.17 14.31 26.61
C LEU A 492 -10.15 13.39 27.28
N LYS A 493 -9.99 12.19 26.72
CA LYS A 493 -9.04 11.21 27.25
C LYS A 493 -7.62 11.76 27.24
N VAL A 494 -7.28 12.52 26.20
CA VAL A 494 -5.97 13.14 26.12
C VAL A 494 -5.82 14.21 27.19
N GLN A 495 -6.81 15.10 27.26
CA GLN A 495 -6.84 16.17 28.26
C GLN A 495 -6.80 15.60 29.68
N LYS A 496 -7.28 14.37 29.84
CA LYS A 496 -7.35 13.72 31.14
C LYS A 496 -6.14 12.84 31.45
N ASN A 497 -5.82 11.93 30.53
CA ASN A 497 -4.73 10.96 30.73
C ASN A 497 -3.34 11.54 30.44
N ALA A 498 -3.29 12.61 29.65
CA ALA A 498 -2.02 13.26 29.36
C ALA A 498 -2.18 14.78 29.35
N PRO A 499 -2.42 15.39 30.52
CA PRO A 499 -2.64 16.84 30.62
C PRO A 499 -1.44 17.67 30.18
N LYS A 500 -0.24 17.23 30.51
CA LYS A 500 0.97 17.97 30.13
C LYS A 500 1.13 17.96 28.61
N THR A 501 0.94 16.79 28.00
CA THR A 501 0.99 16.66 26.55
C THR A 501 -0.11 17.48 25.89
N PHE A 502 -1.31 17.39 26.46
CA PHE A 502 -2.46 18.12 25.95
C PHE A 502 -2.19 19.62 25.88
N GLN A 503 -1.64 20.16 26.97
CA GLN A 503 -1.36 21.59 27.02
C GLN A 503 -0.18 21.95 26.13
N PHE A 504 0.80 21.06 26.05
CA PHE A 504 1.99 21.31 25.24
C PHE A 504 1.64 21.51 23.76
N ILE A 505 0.74 20.68 23.25
CA ILE A 505 0.34 20.78 21.85
C ILE A 505 -0.44 22.06 21.60
N ASN A 506 -1.41 22.35 22.47
CA ASN A 506 -2.17 23.58 22.37
C ASN A 506 -1.26 24.81 22.44
N ASP A 507 -0.17 24.70 23.20
CA ASP A 507 0.84 25.74 23.22
C ASP A 507 1.45 25.92 21.84
N GLN A 508 1.88 24.83 21.23
CA GLN A 508 2.52 24.88 19.92
C GLN A 508 1.55 25.36 18.86
N ILE A 509 0.30 24.94 18.97
CA ILE A 509 -0.73 25.38 18.03
C ILE A 509 -0.92 26.90 18.13
N LYS A 510 -1.00 27.40 19.36
CA LYS A 510 -1.08 28.84 19.58
C LYS A 510 0.17 29.53 19.06
N PHE A 511 1.32 28.93 19.32
CA PHE A 511 2.61 29.46 18.87
C PHE A 511 2.66 29.58 17.36
N ILE A 512 2.27 28.53 16.65
CA ILE A 512 2.31 28.50 15.19
C ILE A 512 1.37 29.55 14.58
N ILE A 513 0.15 29.63 15.10
CA ILE A 513 -0.86 30.54 14.55
C ILE A 513 -0.44 32.00 14.68
N ASN A 514 0.18 32.35 15.81
CA ASN A 514 0.55 33.73 16.09
C ASN A 514 1.85 34.19 15.45
N SER A 515 2.40 33.37 14.56
CA SER A 515 3.66 33.71 13.89
C SER A 515 3.51 34.95 13.02
C1 41T B . 2.96 4.94 10.76
C2 41T B . 3.23 6.32 11.30
O5 41T B . 3.52 8.63 10.86
N6 41T B . 1.68 4.33 11.16
C7 41T B . 1.34 4.45 12.59
C8 41T B . -0.11 4.90 12.75
C9 41T B . -0.30 6.35 12.33
C10 41T B . -0.62 4.69 14.17
C14 41T B . -0.43 4.36 9.56
C15 41T B . -1.69 3.78 9.68
C16 41T B . -2.81 4.43 9.17
C19 41T B . -0.27 5.58 8.91
C20 41T B . -4.16 3.78 9.31
C22 41T B . -6.04 2.98 8.14
C24 41T B . 5.44 4.56 10.75
O3 41T B . 3.58 6.52 12.71
N4 41T B . 3.16 7.39 10.46
S11 41T B . 0.83 3.56 10.16
O12 41T B . 0.32 2.37 10.78
O13 41T B . 1.64 3.18 9.05
C17 41T B . -2.65 5.65 8.52
C18 41T B . -1.39 6.23 8.40
O21 41T B . -4.90 3.85 8.10
C23 41T B . 4.10 4.07 11.29
C25 41T B . 3.97 2.56 11.04
ZN ZN C . 3.98 8.53 12.87
#